data_6XTV
#
_entry.id   6XTV
#
_cell.length_a   123.950
_cell.length_b   123.950
_cell.length_c   111.350
_cell.angle_alpha   90.000
_cell.angle_beta   90.000
_cell.angle_gamma   90.000
#
_symmetry.space_group_name_H-M   'P 41 21 2'
#
loop_
_entity.id
_entity.type
_entity.pdbx_description
1 polymer 'Lysine export transcriptional regulatory protein LysG'
2 non-polymer ARGININE
#
_entity_poly.entity_id   1
_entity_poly.type   'polypeptide(L)'
_entity_poly.pdbx_seq_one_letter_code
;MNPIQLDTLLSIIDEGSFEGASLALSISPSAVSQRVKALEHHVGRVLVSRTQPAKATEAGEVLVQAARKMVLLQAETKAQ
LSGRLAEIPLTIAINADSLSTWFPPVFNEVASWGGATLTLRLEDEAHTLSLLRRGDVLGAVTREANPVAGCEVVELGTMR
HLAIATPSLRDAYMVDGKLDWAAMPVLRFGPKDVLQDRDLDGRVDGPVGRRRVSIVPSAEGFGEAIRRGLGWGLLPETQA
APMLKAGEVILLDEIPIDTPMYWQRWRLESRSLARLTDAVVDAAIEGLRP
;
_entity_poly.pdbx_strand_id   A,B
#
# COMPACT_ATOMS: atom_id res chain seq x y z
N MET A 1 -22.43 6.37 4.41
CA MET A 1 -21.84 5.09 3.90
C MET A 1 -22.57 3.91 4.54
N ASN A 2 -23.04 2.97 3.72
CA ASN A 2 -23.86 1.88 4.22
C ASN A 2 -23.03 0.94 5.10
N PRO A 3 -23.36 0.79 6.39
CA PRO A 3 -22.53 -0.06 7.25
C PRO A 3 -22.56 -1.55 6.91
N ILE A 4 -23.65 -2.05 6.32
CA ILE A 4 -23.71 -3.44 5.89
C ILE A 4 -22.65 -3.72 4.83
N GLN A 5 -22.50 -2.81 3.87
CA GLN A 5 -21.49 -2.98 2.84
C GLN A 5 -20.07 -3.02 3.43
N LEU A 6 -19.77 -2.17 4.40
CA LEU A 6 -18.46 -2.27 5.05
C LEU A 6 -18.23 -3.66 5.65
N ASP A 7 -19.24 -4.24 6.29
CA ASP A 7 -19.09 -5.59 6.82
C ASP A 7 -18.76 -6.58 5.72
N THR A 8 -19.42 -6.44 4.57
CA THR A 8 -19.19 -7.36 3.46
C THR A 8 -17.78 -7.25 2.93
N LEU A 9 -17.29 -6.02 2.73
CA LEU A 9 -15.91 -5.86 2.29
C LEU A 9 -14.94 -6.50 3.27
N LEU A 10 -15.16 -6.27 4.56
CA LEU A 10 -14.28 -6.87 5.56
C LEU A 10 -14.34 -8.38 5.49
N SER A 11 -15.53 -8.93 5.29
CA SER A 11 -15.67 -10.38 5.23
C SER A 11 -14.90 -10.94 4.04
N ILE A 12 -14.97 -10.26 2.88
CA ILE A 12 -14.21 -10.71 1.72
C ILE A 12 -12.75 -10.84 2.09
N ILE A 13 -12.22 -9.83 2.78
CA ILE A 13 -10.80 -9.81 3.13
C ILE A 13 -10.49 -10.88 4.17
N ASP A 14 -11.31 -10.97 5.22
CA ASP A 14 -11.05 -11.94 6.29
C ASP A 14 -11.16 -13.37 5.77
N GLU A 15 -12.11 -13.62 4.88
CA GLU A 15 -12.35 -14.96 4.37
C GLU A 15 -11.48 -15.26 3.16
N GLY A 16 -11.00 -14.23 2.47
CA GLY A 16 -10.03 -14.38 1.41
C GLY A 16 -10.59 -14.31 0.01
N SER A 17 -11.90 -14.37 -0.16
CA SER A 17 -12.48 -14.33 -1.51
C SER A 17 -13.89 -13.82 -1.40
N PHE A 18 -14.48 -13.52 -2.55
CA PHE A 18 -15.88 -13.17 -2.59
C PHE A 18 -16.73 -14.36 -2.15
N GLU A 19 -16.35 -15.56 -2.61
CA GLU A 19 -17.11 -16.75 -2.25
C GLU A 19 -17.04 -17.01 -0.75
N GLY A 20 -15.89 -16.73 -0.15
CA GLY A 20 -15.78 -16.92 1.29
C GLY A 20 -16.74 -16.02 2.05
N ALA A 21 -16.85 -14.76 1.61
CA ALA A 21 -17.79 -13.84 2.24
C ALA A 21 -19.22 -14.31 2.03
N SER A 22 -19.52 -14.84 0.85
CA SER A 22 -20.84 -15.38 0.59
C SER A 22 -21.19 -16.43 1.63
N LEU A 23 -20.33 -17.42 1.80
CA LEU A 23 -20.59 -18.49 2.75
C LEU A 23 -20.63 -17.96 4.19
N ALA A 24 -19.67 -17.10 4.53
CA ALA A 24 -19.59 -16.57 5.89
C ALA A 24 -20.84 -15.77 6.26
N LEU A 25 -21.39 -15.01 5.33
CA LEU A 25 -22.50 -14.10 5.61
C LEU A 25 -23.87 -14.68 5.32
N SER A 26 -23.97 -15.87 4.72
CA SER A 26 -25.25 -16.43 4.29
C SER A 26 -26.01 -15.46 3.39
N ILE A 27 -25.33 -14.99 2.34
CA ILE A 27 -25.94 -14.20 1.27
C ILE A 27 -25.45 -14.74 -0.06
N SER A 28 -26.23 -14.49 -1.11
CA SER A 28 -25.85 -14.98 -2.42
C SER A 28 -24.50 -14.39 -2.86
N PRO A 29 -23.78 -15.08 -3.74
CA PRO A 29 -22.60 -14.44 -4.35
C PRO A 29 -22.93 -13.16 -5.11
N SER A 30 -24.10 -13.10 -5.73
CA SER A 30 -24.52 -11.88 -6.42
C SER A 30 -24.64 -10.72 -5.45
N ALA A 31 -25.20 -10.97 -4.28
CA ALA A 31 -25.34 -9.91 -3.27
C ALA A 31 -23.98 -9.36 -2.87
N VAL A 32 -23.00 -10.24 -2.63
CA VAL A 32 -21.65 -9.76 -2.30
C VAL A 32 -21.16 -8.81 -3.38
N SER A 33 -21.23 -9.23 -4.65
CA SER A 33 -20.78 -8.38 -5.74
C SER A 33 -21.56 -7.06 -5.79
N GLN A 34 -22.89 -7.14 -5.67
CA GLN A 34 -23.71 -5.92 -5.70
C GLN A 34 -23.32 -4.94 -4.61
N ARG A 35 -23.07 -5.45 -3.38
CA ARG A 35 -22.71 -4.56 -2.28
C ARG A 35 -21.36 -3.89 -2.53
N VAL A 36 -20.38 -4.64 -3.05
CA VAL A 36 -19.08 -4.06 -3.36
C VAL A 36 -19.23 -2.99 -4.44
N LYS A 37 -19.95 -3.31 -5.52
CA LYS A 37 -20.18 -2.33 -6.58
C LYS A 37 -20.73 -1.02 -6.01
N ALA A 38 -21.75 -1.13 -5.17
CA ALA A 38 -22.35 0.07 -4.57
C ALA A 38 -21.33 0.84 -3.77
N LEU A 39 -20.63 0.15 -2.87
CA LEU A 39 -19.64 0.80 -2.03
C LEU A 39 -18.55 1.45 -2.89
N GLU A 40 -18.12 0.77 -3.94
CA GLU A 40 -17.11 1.33 -4.83
C GLU A 40 -17.61 2.57 -5.55
N HIS A 41 -18.89 2.59 -5.96
CA HIS A 41 -19.43 3.77 -6.61
C HIS A 41 -19.50 4.94 -5.63
N HIS A 42 -19.75 4.65 -4.36
CA HIS A 42 -19.75 5.71 -3.35
C HIS A 42 -18.37 6.33 -3.19
N VAL A 43 -17.33 5.50 -3.19
CA VAL A 43 -15.97 5.99 -3.01
C VAL A 43 -15.40 6.55 -4.31
N GLY A 44 -15.73 5.93 -5.44
CA GLY A 44 -15.13 6.27 -6.71
C GLY A 44 -13.83 5.57 -7.02
N ARG A 45 -13.55 4.46 -6.34
CA ARG A 45 -12.35 3.67 -6.53
C ARG A 45 -12.67 2.21 -6.32
N VAL A 46 -11.88 1.36 -6.98
CA VAL A 46 -11.90 -0.07 -6.68
C VAL A 46 -11.37 -0.25 -5.26
N LEU A 47 -12.06 -1.05 -4.48
CA LEU A 47 -11.73 -1.17 -3.07
C LEU A 47 -11.01 -2.47 -2.74
N VAL A 48 -11.28 -3.53 -3.50
CA VAL A 48 -10.71 -4.84 -3.20
C VAL A 48 -10.41 -5.55 -4.50
N SER A 49 -9.35 -6.36 -4.49
CA SER A 49 -8.97 -7.12 -5.67
C SER A 49 -9.93 -8.26 -5.92
N ARG A 50 -10.19 -8.53 -7.21
CA ARG A 50 -11.07 -9.61 -7.60
C ARG A 50 -10.33 -10.94 -7.70
N THR A 51 -9.12 -11.00 -7.17
CA THR A 51 -8.34 -12.22 -7.12
C THR A 51 -8.44 -12.82 -5.72
N GLN A 52 -7.75 -13.94 -5.54
CA GLN A 52 -7.77 -14.65 -4.29
C GLN A 52 -6.32 -14.98 -3.96
N PRO A 53 -5.82 -14.65 -2.75
CA PRO A 53 -6.57 -13.99 -1.67
C PRO A 53 -6.92 -12.54 -1.97
N ALA A 54 -8.10 -12.12 -1.51
CA ALA A 54 -8.56 -10.76 -1.75
C ALA A 54 -7.69 -9.77 -0.99
N LYS A 55 -7.26 -8.72 -1.69
CA LYS A 55 -6.45 -7.66 -1.09
C LYS A 55 -7.19 -6.34 -1.28
N ALA A 56 -7.19 -5.51 -0.24
CA ALA A 56 -7.72 -4.15 -0.36
C ALA A 56 -6.77 -3.28 -1.17
N THR A 57 -7.34 -2.48 -2.08
CA THR A 57 -6.57 -1.44 -2.74
C THR A 57 -6.12 -0.40 -1.73
N GLU A 58 -5.38 0.61 -2.18
CA GLU A 58 -4.96 1.68 -1.31
C GLU A 58 -6.17 2.41 -0.73
N ALA A 59 -7.12 2.75 -1.59
CA ALA A 59 -8.38 3.36 -1.11
C ALA A 59 -9.14 2.39 -0.21
N GLY A 60 -9.15 1.10 -0.56
CA GLY A 60 -9.88 0.14 0.23
C GLY A 60 -9.34 0.00 1.63
N GLU A 61 -8.03 0.18 1.81
CA GLU A 61 -7.46 0.06 3.14
C GLU A 61 -8.11 1.02 4.12
N VAL A 62 -8.48 2.22 3.66
CA VAL A 62 -9.18 3.16 4.53
C VAL A 62 -10.43 2.52 5.12
N LEU A 63 -11.30 1.96 4.25
CA LEU A 63 -12.56 1.41 4.71
C LEU A 63 -12.34 0.17 5.60
N VAL A 64 -11.38 -0.68 5.24
CA VAL A 64 -11.10 -1.87 6.04
C VAL A 64 -10.69 -1.47 7.45
N GLN A 65 -9.76 -0.53 7.57
CA GLN A 65 -9.39 -0.03 8.88
C GLN A 65 -10.64 0.47 9.62
N ALA A 66 -11.46 1.26 8.95
CA ALA A 66 -12.69 1.73 9.57
C ALA A 66 -13.58 0.57 10.02
N ALA A 67 -13.69 -0.47 9.19
CA ALA A 67 -14.55 -1.59 9.54
C ALA A 67 -14.03 -2.29 10.79
N ARG A 68 -12.71 -2.48 10.88
CA ARG A 68 -12.13 -3.10 12.07
C ARG A 68 -12.27 -2.22 13.31
N LYS A 69 -12.25 -0.90 13.13
CA LYS A 69 -12.54 -0.01 14.26
C LYS A 69 -13.95 -0.27 14.79
N MET A 70 -14.93 -0.39 13.89
CA MET A 70 -16.31 -0.63 14.32
C MET A 70 -16.45 -1.98 14.99
N VAL A 71 -15.68 -2.98 14.55
CA VAL A 71 -15.71 -4.28 15.19
C VAL A 71 -15.22 -4.18 16.64
N LEU A 72 -14.19 -3.37 16.87
CA LEU A 72 -13.67 -3.17 18.23
C LEU A 72 -14.69 -2.49 19.12
N LEU A 73 -15.35 -1.45 18.62
CA LEU A 73 -16.40 -0.79 19.40
C LEU A 73 -17.47 -1.80 19.77
N GLN A 74 -17.92 -2.59 18.80
CA GLN A 74 -19.00 -3.53 19.06
C GLN A 74 -18.60 -4.50 20.16
N ALA A 75 -17.35 -4.98 20.12
CA ALA A 75 -16.89 -5.91 21.14
C ALA A 75 -16.84 -5.29 22.53
N GLU A 76 -16.32 -4.05 22.64
CA GLU A 76 -16.30 -3.40 23.95
C GLU A 76 -17.71 -3.20 24.50
N THR A 77 -18.65 -2.81 23.65
CA THR A 77 -20.04 -2.63 24.08
C THR A 77 -20.64 -3.93 24.59
N LYS A 78 -20.54 -5.00 23.78
CA LYS A 78 -21.02 -6.30 24.19
C LYS A 78 -20.43 -6.69 25.54
N ALA A 79 -19.14 -6.41 25.75
CA ALA A 79 -18.49 -6.78 27.00
C ALA A 79 -19.08 -5.99 28.18
N GLN A 80 -19.43 -4.72 27.95
CA GLN A 80 -20.00 -3.92 29.02
C GLN A 80 -21.34 -4.46 29.47
N LEU A 81 -22.23 -4.76 28.52
CA LEU A 81 -23.51 -5.36 28.87
C LEU A 81 -23.34 -6.70 29.57
N SER A 82 -22.40 -7.51 29.11
CA SER A 82 -22.26 -8.87 29.64
C SER A 82 -22.09 -8.89 31.15
N GLY A 83 -21.40 -7.90 31.71
CA GLY A 83 -21.05 -7.93 33.10
C GLY A 83 -19.95 -8.95 33.34
N ARG A 84 -18.94 -8.91 32.49
CA ARG A 84 -17.77 -9.78 32.56
C ARG A 84 -16.63 -9.06 31.83
N LEU A 85 -15.40 -9.39 32.21
CA LEU A 85 -14.22 -8.78 31.59
C LEU A 85 -14.18 -9.02 30.09
N ALA A 86 -13.65 -8.02 29.38
CA ALA A 86 -13.78 -7.95 27.92
C ALA A 86 -13.14 -9.13 27.18
N GLU A 87 -11.86 -9.39 27.44
CA GLU A 87 -11.12 -10.43 26.72
C GLU A 87 -10.96 -10.07 25.25
N ILE A 88 -10.34 -8.92 24.98
CA ILE A 88 -10.21 -8.37 23.63
C ILE A 88 -8.75 -8.54 23.20
N PRO A 89 -8.47 -9.14 22.03
CA PRO A 89 -7.08 -9.24 21.60
C PRO A 89 -6.60 -7.91 21.03
N LEU A 90 -5.46 -7.46 21.54
CA LEU A 90 -4.81 -6.24 21.06
C LEU A 90 -3.61 -6.64 20.22
N THR A 91 -3.57 -6.14 18.99
CA THR A 91 -2.48 -6.45 18.06
C THR A 91 -1.60 -5.22 17.87
N ILE A 92 -0.29 -5.39 18.09
CA ILE A 92 0.67 -4.30 18.13
C ILE A 92 1.85 -4.62 17.21
N ALA A 93 2.32 -3.62 16.49
CA ALA A 93 3.61 -3.67 15.83
C ALA A 93 4.62 -2.92 16.68
N ILE A 94 5.80 -3.53 16.85
CA ILE A 94 6.83 -2.99 17.71
C ILE A 94 8.18 -3.29 17.08
N ASN A 95 9.17 -2.51 17.47
CA ASN A 95 10.53 -2.77 17.01
C ASN A 95 11.31 -3.51 18.09
N ALA A 96 12.33 -4.26 17.64
CA ALA A 96 13.07 -5.11 18.57
C ALA A 96 13.75 -4.31 19.67
N ASP A 97 14.22 -3.10 19.35
CA ASP A 97 14.95 -2.30 20.33
C ASP A 97 14.02 -1.82 21.44
N SER A 98 12.77 -1.51 21.12
CA SER A 98 11.82 -1.14 22.15
C SER A 98 11.41 -2.35 22.99
N LEU A 99 11.19 -3.50 22.34
CA LEU A 99 10.73 -4.69 23.05
C LEU A 99 11.77 -5.18 24.04
N SER A 100 13.05 -5.03 23.73
CA SER A 100 14.12 -5.52 24.58
C SER A 100 14.53 -4.54 25.66
N THR A 101 14.01 -3.31 25.66
CA THR A 101 14.38 -2.34 26.68
C THR A 101 13.22 -1.88 27.55
N TRP A 102 12.46 -0.89 27.08
CA TRP A 102 11.48 -0.23 27.94
C TRP A 102 10.08 -0.84 27.89
N PHE A 103 9.79 -1.72 26.93
CA PHE A 103 8.40 -2.11 26.70
C PHE A 103 7.86 -3.15 27.71
N PRO A 104 8.67 -4.11 28.15
CA PRO A 104 8.13 -5.27 28.89
C PRO A 104 7.23 -4.90 30.06
N PRO A 105 7.46 -3.76 30.73
CA PRO A 105 6.53 -3.39 31.81
C PRO A 105 5.07 -3.34 31.40
N VAL A 106 4.79 -3.09 30.12
CA VAL A 106 3.41 -3.14 29.63
C VAL A 106 2.77 -4.49 29.92
N PHE A 107 3.55 -5.58 29.88
CA PHE A 107 2.99 -6.91 30.13
C PHE A 107 2.29 -6.97 31.49
N ASN A 108 2.92 -6.43 32.53
CA ASN A 108 2.29 -6.45 33.85
C ASN A 108 0.91 -5.80 33.79
N GLU A 109 0.83 -4.62 33.17
CA GLU A 109 -0.42 -3.88 33.14
C GLU A 109 -1.49 -4.65 32.37
N VAL A 110 -1.16 -5.12 31.17
CA VAL A 110 -2.14 -5.87 30.39
C VAL A 110 -2.60 -7.11 31.16
N ALA A 111 -1.67 -7.79 31.82
CA ALA A 111 -2.06 -8.99 32.55
C ALA A 111 -3.09 -8.64 33.62
N SER A 112 -2.94 -7.49 34.28
CA SER A 112 -3.80 -7.15 35.40
C SER A 112 -5.23 -6.83 34.97
N TRP A 113 -5.45 -6.57 33.68
CA TRP A 113 -6.78 -6.21 33.18
C TRP A 113 -7.77 -7.35 33.20
N GLY A 114 -7.41 -8.55 33.66
CA GLY A 114 -8.42 -9.58 33.72
C GLY A 114 -8.26 -10.53 32.57
N GLY A 115 -8.93 -10.23 31.47
CA GLY A 115 -8.77 -11.03 30.29
C GLY A 115 -8.68 -10.13 29.09
N ALA A 116 -7.50 -10.18 28.48
CA ALA A 116 -7.10 -9.46 27.29
C ALA A 116 -5.80 -10.12 26.86
N THR A 117 -5.54 -10.08 25.56
CA THR A 117 -4.31 -10.67 25.04
C THR A 117 -3.56 -9.69 24.15
N LEU A 118 -2.26 -9.91 24.06
CA LEU A 118 -1.38 -9.15 23.19
C LEU A 118 -0.93 -10.03 22.05
N THR A 119 -0.92 -9.47 20.84
CA THR A 119 -0.25 -10.08 19.71
C THR A 119 0.78 -9.05 19.26
N LEU A 120 2.04 -9.34 19.55
CA LEU A 120 3.11 -8.44 19.17
C LEU A 120 3.67 -8.92 17.83
N ARG A 121 3.82 -7.99 16.91
CA ARG A 121 4.46 -8.25 15.63
C ARG A 121 5.75 -7.45 15.58
N LEU A 122 6.87 -8.14 15.40
CA LEU A 122 8.17 -7.48 15.21
C LEU A 122 8.32 -7.22 13.71
N GLU A 123 8.33 -5.96 13.32
CA GLU A 123 8.30 -5.57 11.92
C GLU A 123 9.28 -4.43 11.73
N ASP A 124 9.80 -4.31 10.51
CA ASP A 124 10.59 -3.15 10.16
C ASP A 124 9.70 -1.91 10.03
N GLU A 125 10.37 -0.77 9.90
CA GLU A 125 9.66 0.51 9.95
C GLU A 125 8.61 0.61 8.85
N ALA A 126 8.95 0.13 7.64
CA ALA A 126 8.06 0.31 6.50
C ALA A 126 6.80 -0.55 6.61
N HIS A 127 6.98 -1.85 6.88
CA HIS A 127 5.82 -2.73 7.03
C HIS A 127 4.95 -2.33 8.22
N THR A 128 5.57 -1.89 9.32
CA THR A 128 4.82 -1.45 10.49
C THR A 128 3.75 -0.43 10.11
N LEU A 129 4.13 0.58 9.32
CA LEU A 129 3.15 1.59 8.93
C LEU A 129 2.07 1.00 8.04
N SER A 130 2.44 0.08 7.14
CA SER A 130 1.44 -0.56 6.29
C SER A 130 0.41 -1.31 7.11
N LEU A 131 0.86 -2.07 8.11
CA LEU A 131 -0.07 -2.79 8.98
C LEU A 131 -1.04 -1.84 9.64
N LEU A 132 -0.55 -0.73 10.20
CA LEU A 132 -1.43 0.27 10.77
C LEU A 132 -2.45 0.76 9.74
N ARG A 133 -1.96 1.16 8.56
CA ARG A 133 -2.84 1.71 7.53
C ARG A 133 -4.01 0.76 7.24
N ARG A 134 -3.73 -0.52 6.99
CA ARG A 134 -4.77 -1.47 6.56
C ARG A 134 -5.55 -2.06 7.74
N GLY A 135 -5.14 -1.77 8.97
CA GLY A 135 -5.85 -2.27 10.14
C GLY A 135 -5.38 -3.59 10.69
N ASP A 136 -4.26 -4.12 10.21
CA ASP A 136 -3.77 -5.38 10.74
C ASP A 136 -3.19 -5.24 12.14
N VAL A 137 -2.81 -4.04 12.55
CA VAL A 137 -2.52 -3.71 13.94
C VAL A 137 -3.30 -2.46 14.33
N LEU A 138 -3.71 -2.39 15.61
CA LEU A 138 -4.40 -1.21 16.12
C LEU A 138 -3.44 -0.22 16.79
N GLY A 139 -2.21 -0.62 17.08
CA GLY A 139 -1.24 0.30 17.63
C GLY A 139 0.14 -0.09 17.16
N ALA A 140 1.07 0.84 17.26
CA ALA A 140 2.43 0.55 16.82
C ALA A 140 3.41 1.52 17.46
N VAL A 141 4.53 0.96 17.92
CA VAL A 141 5.70 1.73 18.29
C VAL A 141 6.54 1.96 17.05
N THR A 142 6.90 3.22 16.78
CA THR A 142 7.50 3.56 15.50
C THR A 142 8.39 4.80 15.66
N ARG A 143 9.39 4.89 14.78
CA ARG A 143 10.18 6.11 14.63
C ARG A 143 9.49 7.17 13.78
N GLU A 144 8.40 6.84 13.12
CA GLU A 144 7.72 7.77 12.21
C GLU A 144 6.83 8.71 13.00
N ALA A 145 7.05 10.01 12.83
CA ALA A 145 6.25 11.01 13.52
C ALA A 145 4.96 11.36 12.79
N ASN A 146 4.91 11.21 11.49
CA ASN A 146 3.71 11.61 10.76
C ASN A 146 2.64 10.54 10.92
N PRO A 147 1.40 10.92 11.21
CA PRO A 147 0.35 9.92 11.51
C PRO A 147 -0.11 9.20 10.25
N VAL A 148 -0.21 7.87 10.33
CA VAL A 148 -0.78 7.14 9.21
C VAL A 148 -2.28 7.41 9.21
N ALA A 149 -2.89 7.36 8.03
CA ALA A 149 -4.31 7.64 7.90
C ALA A 149 -5.11 6.86 8.93
N GLY A 150 -6.04 7.56 9.60
CA GLY A 150 -6.87 6.91 10.59
C GLY A 150 -6.33 6.84 12.00
N CYS A 151 -5.13 7.36 12.25
CA CYS A 151 -4.48 7.19 13.53
C CYS A 151 -4.08 8.54 14.14
N GLU A 152 -3.82 8.50 15.45
CA GLU A 152 -3.29 9.60 16.21
C GLU A 152 -1.90 9.19 16.70
N VAL A 153 -1.06 10.19 16.96
CA VAL A 153 0.32 9.96 17.35
C VAL A 153 0.57 10.53 18.74
N VAL A 154 1.45 9.86 19.47
CA VAL A 154 1.87 10.28 20.79
C VAL A 154 3.38 10.18 20.82
N GLU A 155 4.04 11.21 21.32
CA GLU A 155 5.48 11.13 21.48
C GLU A 155 5.78 10.35 22.74
N LEU A 156 6.68 9.38 22.63
CA LEU A 156 7.03 8.55 23.77
C LEU A 156 8.32 8.98 24.46
N GLY A 157 9.20 9.66 23.74
CA GLY A 157 10.54 9.94 24.21
C GLY A 157 11.56 9.51 23.21
N THR A 158 12.83 9.56 23.61
CA THR A 158 13.96 9.43 22.71
C THR A 158 14.74 8.19 23.08
N MET A 159 15.10 7.39 22.08
CA MET A 159 15.96 6.23 22.27
C MET A 159 17.38 6.60 21.88
N ARG A 160 18.33 6.32 22.76
CA ARG A 160 19.73 6.65 22.52
C ARG A 160 20.51 5.37 22.25
N HIS A 161 21.28 5.37 21.17
CA HIS A 161 22.18 4.28 20.84
C HIS A 161 23.61 4.73 21.07
N LEU A 162 24.44 3.83 21.57
CA LEU A 162 25.84 4.10 21.80
C LEU A 162 26.68 3.22 20.90
N ALA A 163 27.80 3.75 20.42
CA ALA A 163 28.74 2.99 19.62
C ALA A 163 29.72 2.34 20.59
N ILE A 164 29.65 1.02 20.72
CA ILE A 164 30.42 0.30 21.72
C ILE A 164 31.19 -0.83 21.05
N ALA A 165 32.28 -1.23 21.70
CA ALA A 165 33.06 -2.39 21.32
C ALA A 165 33.86 -2.84 22.53
N THR A 166 34.37 -4.07 22.46
CA THR A 166 35.28 -4.52 23.50
C THR A 166 36.61 -3.78 23.38
N PRO A 167 37.28 -3.52 24.51
CA PRO A 167 38.61 -2.90 24.43
C PRO A 167 39.57 -3.65 23.53
N SER A 168 39.60 -4.98 23.62
CA SER A 168 40.51 -5.76 22.79
C SER A 168 40.24 -5.53 21.31
N LEU A 169 38.96 -5.49 20.93
CA LEU A 169 38.61 -5.28 19.53
C LEU A 169 39.06 -3.89 19.07
N ARG A 170 38.73 -2.87 19.85
CA ARG A 170 39.19 -1.52 19.51
C ARG A 170 40.70 -1.48 19.33
N ASP A 171 41.44 -1.98 20.33
CA ASP A 171 42.90 -1.97 20.22
C ASP A 171 43.36 -2.71 18.98
N ALA A 172 42.65 -3.76 18.58
CA ALA A 172 43.08 -4.53 17.43
C ALA A 172 43.01 -3.72 16.14
N TYR A 173 42.14 -2.72 16.08
CA TYR A 173 41.96 -1.91 14.88
C TYR A 173 42.44 -0.47 15.09
N MET A 174 43.25 -0.24 16.11
CA MET A 174 44.01 1.00 16.20
C MET A 174 45.19 0.90 15.26
N VAL A 175 45.39 1.96 14.46
CA VAL A 175 46.49 2.03 13.53
C VAL A 175 47.08 3.43 13.64
N ASP A 176 48.30 3.51 14.17
CA ASP A 176 49.01 4.78 14.26
C ASP A 176 48.27 5.76 15.15
N GLY A 177 47.54 5.25 16.15
CA GLY A 177 46.80 6.09 17.07
C GLY A 177 45.42 6.48 16.60
N LYS A 178 44.98 5.96 15.45
CA LYS A 178 43.66 6.26 14.91
C LYS A 178 42.93 4.97 14.60
N LEU A 179 41.64 4.94 14.90
CA LEU A 179 40.83 3.74 14.75
C LEU A 179 40.33 3.59 13.31
N ASP A 180 40.49 2.39 12.75
CA ASP A 180 40.08 2.07 11.37
C ASP A 180 38.65 1.56 11.36
N TRP A 181 37.71 2.51 11.35
CA TRP A 181 36.29 2.17 11.42
C TRP A 181 35.88 1.20 10.31
N ALA A 182 36.30 1.45 9.07
CA ALA A 182 35.83 0.65 7.95
C ALA A 182 36.25 -0.82 8.06
N ALA A 183 37.46 -1.07 8.57
CA ALA A 183 37.97 -2.43 8.62
C ALA A 183 37.44 -3.20 9.82
N MET A 184 36.89 -2.51 10.81
CA MET A 184 36.42 -3.15 12.02
C MET A 184 35.12 -3.90 11.76
N PRO A 185 35.05 -5.20 12.12
CA PRO A 185 33.78 -5.91 11.96
C PRO A 185 32.68 -5.26 12.79
N VAL A 186 31.48 -5.22 12.21
CA VAL A 186 30.34 -4.55 12.81
C VAL A 186 29.19 -5.57 12.93
N LEU A 187 28.32 -5.35 13.91
CA LEU A 187 27.12 -6.16 14.07
C LEU A 187 25.91 -5.51 13.40
N ARG A 188 25.06 -6.35 12.81
CA ARG A 188 23.80 -5.90 12.24
C ARG A 188 22.69 -6.85 12.64
N PHE A 189 21.51 -6.27 12.81
CA PHE A 189 20.33 -7.04 13.21
C PHE A 189 19.73 -7.79 12.03
N GLY A 190 19.93 -7.30 10.81
CA GLY A 190 19.40 -7.93 9.64
C GLY A 190 20.12 -7.50 8.38
N PRO A 191 19.67 -7.99 7.23
CA PRO A 191 20.27 -7.55 5.96
C PRO A 191 19.78 -6.18 5.54
N LYS A 192 18.60 -5.78 6.00
CA LYS A 192 18.16 -4.40 5.96
C LYS A 192 18.21 -3.87 7.40
N ASP A 193 19.17 -2.98 7.66
CA ASP A 193 19.28 -2.33 8.97
C ASP A 193 19.36 -0.81 8.84
N ASP A 199 25.96 4.29 9.23
CA ASP A 199 26.41 4.16 10.62
C ASP A 199 27.79 4.78 10.79
N LEU A 200 28.46 5.06 9.67
CA LEU A 200 29.75 5.73 9.70
C LEU A 200 29.62 7.20 9.38
N ASP A 201 28.41 7.68 9.10
CA ASP A 201 28.22 9.10 8.85
C ASP A 201 28.90 9.88 9.95
N GLY A 202 29.73 10.84 9.56
CA GLY A 202 30.47 11.62 10.53
C GLY A 202 31.50 10.84 11.32
N ARG A 203 31.78 9.60 10.92
CA ARG A 203 32.91 8.84 11.45
C ARG A 203 33.98 8.61 10.40
N VAL A 204 33.59 8.62 9.13
CA VAL A 204 34.53 8.50 8.03
C VAL A 204 34.22 9.62 7.05
N ASP A 205 35.26 10.19 6.48
CA ASP A 205 35.14 11.23 5.46
C ASP A 205 34.92 10.54 4.12
N GLY A 206 36.02 10.04 3.55
CA GLY A 206 36.07 9.60 2.19
C GLY A 206 35.32 8.30 1.94
N PRO A 207 35.53 7.73 0.75
CA PRO A 207 34.82 6.51 0.36
C PRO A 207 35.10 5.35 1.30
N VAL A 208 34.05 4.62 1.64
CA VAL A 208 34.15 3.49 2.56
C VAL A 208 34.45 2.25 1.73
N GLY A 209 35.42 1.46 2.18
CA GLY A 209 35.76 0.21 1.51
C GLY A 209 34.70 -0.83 1.74
N ARG A 210 35.00 -2.12 1.51
CA ARG A 210 34.00 -3.09 1.91
C ARG A 210 34.14 -3.34 3.40
N ARG A 211 33.01 -3.61 4.04
CA ARG A 211 32.93 -3.94 5.44
C ARG A 211 32.87 -5.43 5.71
N ARG A 212 33.28 -5.82 6.91
CA ARG A 212 33.05 -7.16 7.44
C ARG A 212 31.88 -7.10 8.42
N VAL A 213 30.83 -7.86 8.14
CA VAL A 213 29.54 -7.75 8.81
C VAL A 213 29.14 -9.11 9.35
N SER A 214 28.74 -9.15 10.62
CA SER A 214 27.99 -10.27 11.15
C SER A 214 26.54 -9.86 11.37
N ILE A 215 25.63 -10.79 11.11
CA ILE A 215 24.20 -10.56 11.24
C ILE A 215 23.65 -11.51 12.31
N VAL A 216 23.06 -10.94 13.35
CA VAL A 216 22.42 -11.72 14.42
C VAL A 216 21.00 -11.22 14.63
N PRO A 217 19.96 -11.95 14.18
CA PRO A 217 18.61 -11.37 14.13
C PRO A 217 17.82 -11.45 15.44
N SER A 218 18.49 -11.23 16.57
CA SER A 218 17.78 -11.06 17.84
C SER A 218 18.52 -9.99 18.63
N ALA A 219 17.74 -9.16 19.33
CA ALA A 219 18.32 -8.04 20.08
C ALA A 219 19.39 -8.51 21.07
N GLU A 220 19.16 -9.60 21.78
CA GLU A 220 20.11 -10.02 22.82
C GLU A 220 21.33 -10.68 22.21
N GLY A 221 21.16 -11.49 21.17
CA GLY A 221 22.32 -12.06 20.52
C GLY A 221 23.15 -11.00 19.84
N PHE A 222 22.47 -10.00 19.26
CA PHE A 222 23.16 -8.84 18.74
C PHE A 222 24.05 -8.24 19.82
N GLY A 223 23.47 -7.98 21.00
CA GLY A 223 24.25 -7.47 22.12
C GLY A 223 25.33 -8.43 22.59
N GLU A 224 25.01 -9.73 22.66
CA GLU A 224 25.98 -10.71 23.12
C GLU A 224 27.19 -10.76 22.19
N ALA A 225 26.97 -10.63 20.89
CA ALA A 225 28.08 -10.66 19.94
C ALA A 225 29.01 -9.47 20.14
N ILE A 226 28.46 -8.27 20.37
CA ILE A 226 29.32 -7.12 20.67
C ILE A 226 30.07 -7.35 21.97
N ARG A 227 29.33 -7.74 23.02
CA ARG A 227 29.93 -8.01 24.32
C ARG A 227 31.10 -8.97 24.20
N ARG A 228 31.07 -9.87 23.23
CA ARG A 228 32.04 -10.94 23.11
C ARG A 228 33.07 -10.71 22.00
N GLY A 229 33.15 -9.51 21.45
CA GLY A 229 34.21 -9.16 20.53
C GLY A 229 33.99 -9.47 19.06
N LEU A 230 32.85 -10.03 18.67
CA LEU A 230 32.65 -10.32 17.25
C LEU A 230 32.64 -9.07 16.38
N GLY A 231 32.29 -7.93 16.96
CA GLY A 231 32.23 -6.70 16.19
C GLY A 231 31.77 -5.58 17.08
N TRP A 232 31.97 -4.35 16.60
CA TRP A 232 31.33 -3.24 17.27
C TRP A 232 29.89 -3.11 16.78
N GLY A 233 29.13 -2.25 17.44
CA GLY A 233 27.77 -2.02 16.99
C GLY A 233 27.12 -0.87 17.75
N LEU A 234 26.01 -0.40 17.19
CA LEU A 234 25.18 0.60 17.82
C LEU A 234 24.14 -0.12 18.67
N LEU A 235 24.24 0.05 19.99
CA LEU A 235 23.44 -0.67 20.95
C LEU A 235 22.69 0.30 21.84
N PRO A 236 21.43 0.04 22.15
CA PRO A 236 20.69 0.96 23.02
C PRO A 236 21.36 1.09 24.38
N GLU A 237 21.45 2.33 24.85
CA GLU A 237 22.20 2.61 26.07
C GLU A 237 21.68 1.79 27.25
N THR A 238 20.39 1.52 27.28
CA THR A 238 19.83 0.63 28.29
C THR A 238 20.53 -0.72 28.29
N GLN A 239 20.71 -1.33 27.11
CA GLN A 239 21.38 -2.62 27.00
C GLN A 239 22.86 -2.51 27.33
N ALA A 240 23.49 -1.41 26.92
CA ALA A 240 24.94 -1.30 27.01
C ALA A 240 25.40 -1.00 28.43
N ALA A 241 24.54 -0.37 29.24
CA ALA A 241 24.96 0.10 30.56
C ALA A 241 25.62 -0.99 31.39
N PRO A 242 25.05 -2.19 31.53
CA PRO A 242 25.74 -3.22 32.33
C PRO A 242 27.10 -3.61 31.78
N MET A 243 27.22 -3.76 30.45
CA MET A 243 28.52 -4.09 29.87
C MET A 243 29.54 -2.99 30.15
N LEU A 244 29.13 -1.74 30.03
CA LEU A 244 30.04 -0.64 30.34
C LEU A 244 30.44 -0.66 31.81
N LYS A 245 29.47 -0.90 32.69
CA LYS A 245 29.77 -0.96 34.12
C LYS A 245 30.71 -2.11 34.44
N ALA A 246 30.55 -3.24 33.76
CA ALA A 246 31.42 -4.40 33.96
C ALA A 246 32.74 -4.26 33.24
N GLY A 247 32.98 -3.16 32.53
CA GLY A 247 34.20 -3.03 31.76
C GLY A 247 34.32 -3.97 30.58
N GLU A 248 33.22 -4.63 30.21
CA GLU A 248 33.27 -5.58 29.10
C GLU A 248 33.39 -4.85 27.77
N VAL A 249 32.76 -3.69 27.66
CA VAL A 249 32.86 -2.85 26.48
C VAL A 249 33.25 -1.44 26.91
N ILE A 250 33.67 -0.66 25.92
CA ILE A 250 34.00 0.74 26.08
C ILE A 250 33.25 1.54 25.02
N LEU A 251 33.15 2.85 25.24
CA LEU A 251 32.59 3.74 24.24
C LEU A 251 33.64 4.01 23.17
N LEU A 252 33.29 3.73 21.92
CA LEU A 252 34.10 4.14 20.78
C LEU A 252 33.95 5.62 20.46
N ASP A 253 33.06 6.32 21.15
CA ASP A 253 32.59 7.60 20.66
C ASP A 253 31.73 8.27 21.73
N GLU A 254 31.99 9.55 21.99
CA GLU A 254 31.19 10.28 22.96
C GLU A 254 29.92 10.83 22.35
N ILE A 255 29.72 10.65 21.04
CA ILE A 255 28.54 11.18 20.35
C ILE A 255 27.50 10.07 20.27
N PRO A 256 26.44 10.11 21.06
CA PRO A 256 25.35 9.14 20.90
C PRO A 256 24.55 9.45 19.65
N ILE A 257 23.78 8.45 19.22
CA ILE A 257 22.81 8.64 18.15
C ILE A 257 21.44 8.48 18.77
N ASP A 258 20.64 9.54 18.70
CA ASP A 258 19.34 9.61 19.34
C ASP A 258 18.22 9.50 18.31
N THR A 259 17.23 8.68 18.65
CA THR A 259 16.09 8.42 17.76
C THR A 259 14.78 8.67 18.49
N PRO A 260 14.05 9.73 18.14
CA PRO A 260 12.72 9.94 18.74
C PRO A 260 11.78 8.80 18.40
N MET A 261 10.94 8.43 19.38
CA MET A 261 9.99 7.34 19.22
C MET A 261 8.57 7.84 19.43
N TYR A 262 7.64 7.17 18.77
CA TYR A 262 6.23 7.55 18.79
C TYR A 262 5.35 6.33 18.98
N TRP A 263 4.16 6.56 19.52
CA TRP A 263 3.10 5.58 19.61
C TRP A 263 1.97 6.04 18.71
N GLN A 264 1.59 5.19 17.75
CA GLN A 264 0.52 5.48 16.82
C GLN A 264 -0.61 4.49 17.08
N ARG A 265 -1.82 5.02 17.20
CA ARG A 265 -2.99 4.23 17.52
C ARG A 265 -4.17 4.66 16.66
N TRP A 266 -5.08 3.72 16.43
CA TRP A 266 -6.33 4.04 15.78
C TRP A 266 -7.00 5.23 16.46
N ARG A 267 -7.51 6.17 15.67
CA ARG A 267 -8.37 7.22 16.23
C ARG A 267 -9.73 6.58 16.51
N LEU A 268 -10.02 6.32 17.78
CA LEU A 268 -11.24 5.64 18.18
C LEU A 268 -11.48 5.85 19.67
N GLU A 269 -12.75 6.03 20.06
CA GLU A 269 -13.13 6.11 21.47
C GLU A 269 -13.22 4.69 22.05
N SER A 270 -12.05 4.09 22.23
CA SER A 270 -11.93 2.71 22.68
C SER A 270 -11.31 2.70 24.07
N ARG A 271 -11.99 2.07 25.03
CA ARG A 271 -11.44 2.00 26.38
C ARG A 271 -10.27 1.04 26.45
N SER A 272 -10.27 -0.03 25.65
CA SER A 272 -9.08 -0.89 25.58
C SER A 272 -7.91 -0.12 25.02
N LEU A 273 -8.11 0.56 23.88
CA LEU A 273 -7.03 1.29 23.24
C LEU A 273 -6.49 2.40 24.13
N ALA A 274 -7.38 3.15 24.79
CA ALA A 274 -6.93 4.17 25.74
C ALA A 274 -6.08 3.57 26.84
N ARG A 275 -6.52 2.43 27.40
CA ARG A 275 -5.81 1.79 28.50
C ARG A 275 -4.44 1.29 28.06
N LEU A 276 -4.38 0.65 26.88
CA LEU A 276 -3.11 0.19 26.34
C LEU A 276 -2.15 1.36 26.14
N THR A 277 -2.65 2.46 25.58
CA THR A 277 -1.81 3.64 25.39
C THR A 277 -1.21 4.11 26.71
N ASP A 278 -2.04 4.26 27.74
CA ASP A 278 -1.52 4.66 29.04
C ASP A 278 -0.39 3.74 29.48
N ALA A 279 -0.59 2.42 29.33
CA ALA A 279 0.44 1.47 29.74
C ALA A 279 1.74 1.68 28.95
N VAL A 280 1.61 1.90 27.63
CA VAL A 280 2.78 2.10 26.79
C VAL A 280 3.48 3.40 27.16
N VAL A 281 2.72 4.49 27.20
CA VAL A 281 3.29 5.79 27.58
C VAL A 281 3.98 5.73 28.94
N ASP A 282 3.35 5.09 29.92
CA ASP A 282 3.96 5.02 31.25
C ASP A 282 5.28 4.26 31.20
N ALA A 283 5.32 3.18 30.42
CA ALA A 283 6.58 2.45 30.28
C ALA A 283 7.65 3.33 29.64
N ALA A 284 7.27 4.08 28.59
CA ALA A 284 8.24 4.94 27.92
C ALA A 284 8.70 6.09 28.81
N ILE A 285 7.80 6.59 29.65
CA ILE A 285 8.18 7.64 30.59
C ILE A 285 9.25 7.13 31.54
N GLU A 286 9.14 5.86 31.94
CA GLU A 286 10.06 5.29 32.91
C GLU A 286 11.37 4.83 32.31
N GLY A 287 11.42 4.56 31.00
CA GLY A 287 12.62 3.98 30.41
C GLY A 287 13.19 4.63 29.16
N LEU A 288 12.64 5.75 28.71
CA LEU A 288 13.20 6.50 27.60
C LEU A 288 13.59 7.90 28.05
N ARG A 289 14.43 8.56 27.23
CA ARG A 289 14.87 9.94 27.48
C ARG A 289 13.83 10.92 26.93
N PRO A 290 13.76 12.14 27.48
CA PRO A 290 12.87 13.20 26.99
C PRO A 290 12.87 13.33 25.47
N MET B 1 -24.90 -5.68 16.83
CA MET B 1 -26.14 -4.90 17.02
C MET B 1 -26.38 -3.90 15.89
N ASN B 2 -27.63 -3.82 15.46
CA ASN B 2 -28.02 -2.96 14.35
C ASN B 2 -27.71 -1.50 14.68
N PRO B 3 -26.80 -0.83 13.94
CA PRO B 3 -26.46 0.56 14.28
C PRO B 3 -27.60 1.55 14.08
N ILE B 4 -28.55 1.28 13.18
CA ILE B 4 -29.71 2.15 13.03
C ILE B 4 -30.52 2.19 14.31
N GLN B 5 -30.73 1.03 14.93
CA GLN B 5 -31.44 1.02 16.20
C GLN B 5 -30.67 1.81 17.25
N LEU B 6 -29.35 1.65 17.30
CA LEU B 6 -28.56 2.46 18.22
C LEU B 6 -28.79 3.95 17.96
N ASP B 7 -28.84 4.35 16.69
CA ASP B 7 -29.15 5.74 16.35
C ASP B 7 -30.52 6.14 16.86
N THR B 8 -31.50 5.24 16.73
CA THR B 8 -32.86 5.54 17.16
C THR B 8 -32.90 5.77 18.67
N LEU B 9 -32.25 4.90 19.42
CA LEU B 9 -32.14 5.09 20.86
C LEU B 9 -31.49 6.43 21.18
N LEU B 10 -30.41 6.76 20.47
CA LEU B 10 -29.71 8.02 20.70
C LEU B 10 -30.62 9.20 20.41
N SER B 11 -31.41 9.12 19.34
CA SER B 11 -32.27 10.23 18.99
C SER B 11 -33.32 10.46 20.07
N ILE B 12 -33.84 9.36 20.63
CA ILE B 12 -34.81 9.47 21.72
C ILE B 12 -34.22 10.28 22.86
N ILE B 13 -32.99 9.96 23.26
CA ILE B 13 -32.39 10.69 24.38
C ILE B 13 -32.09 12.13 23.98
N ASP B 14 -31.49 12.32 22.81
CA ASP B 14 -31.12 13.68 22.41
C ASP B 14 -32.34 14.56 22.23
N GLU B 15 -33.43 14.01 21.71
CA GLU B 15 -34.63 14.81 21.47
C GLU B 15 -35.59 14.81 22.65
N GLY B 16 -35.53 13.79 23.51
CA GLY B 16 -36.27 13.79 24.75
C GLY B 16 -37.54 12.97 24.75
N SER B 17 -38.01 12.49 23.60
CA SER B 17 -39.23 11.69 23.57
C SER B 17 -39.22 10.81 22.33
N PHE B 18 -40.13 9.83 22.32
CA PHE B 18 -40.29 9.03 21.11
C PHE B 18 -40.78 9.86 19.94
N GLU B 19 -41.74 10.76 20.17
CA GLU B 19 -42.21 11.57 19.06
C GLU B 19 -41.10 12.51 18.57
N GLY B 20 -40.26 13.00 19.49
CA GLY B 20 -39.15 13.83 19.06
C GLY B 20 -38.18 13.08 18.16
N ALA B 21 -37.88 11.82 18.50
CA ALA B 21 -37.03 11.03 17.62
C ALA B 21 -37.73 10.76 16.30
N SER B 22 -39.05 10.53 16.34
CA SER B 22 -39.82 10.32 15.13
C SER B 22 -39.63 11.46 14.14
N LEU B 23 -39.93 12.68 14.59
CA LEU B 23 -39.81 13.83 13.70
C LEU B 23 -38.36 14.07 13.29
N ALA B 24 -37.42 13.94 14.24
CA ALA B 24 -36.00 14.16 13.94
C ALA B 24 -35.51 13.20 12.86
N LEU B 25 -35.98 11.96 12.89
CA LEU B 25 -35.52 10.91 11.98
C LEU B 25 -36.43 10.76 10.76
N SER B 26 -37.53 11.50 10.71
CA SER B 26 -38.52 11.37 9.65
C SER B 26 -38.98 9.92 9.52
N ILE B 27 -39.37 9.34 10.65
CA ILE B 27 -39.96 8.01 10.70
C ILE B 27 -41.16 8.05 11.64
N SER B 28 -42.08 7.11 11.43
CA SER B 28 -43.27 7.06 12.26
C SER B 28 -42.92 6.83 13.72
N PRO B 29 -43.80 7.26 14.64
CA PRO B 29 -43.66 6.83 16.04
C PRO B 29 -43.68 5.32 16.18
N SER B 30 -44.48 4.64 15.33
CA SER B 30 -44.50 3.19 15.31
C SER B 30 -43.13 2.61 14.96
N ALA B 31 -42.45 3.21 13.99
CA ALA B 31 -41.13 2.73 13.61
C ALA B 31 -40.14 2.82 14.77
N VAL B 32 -40.14 3.95 15.48
CA VAL B 32 -39.28 4.10 16.65
C VAL B 32 -39.50 2.97 17.62
N SER B 33 -40.77 2.70 17.97
CA SER B 33 -41.07 1.63 18.91
C SER B 33 -40.58 0.29 18.39
N GLN B 34 -40.82 0.00 17.11
CA GLN B 34 -40.37 -1.27 16.56
C GLN B 34 -38.86 -1.43 16.73
N ARG B 35 -38.11 -0.36 16.44
CA ARG B 35 -36.67 -0.44 16.54
C ARG B 35 -36.23 -0.62 17.99
N VAL B 36 -36.84 0.13 18.90
CA VAL B 36 -36.48 0.02 20.31
C VAL B 36 -36.77 -1.38 20.82
N LYS B 37 -38.00 -1.87 20.61
CA LYS B 37 -38.36 -3.20 21.08
C LYS B 37 -37.39 -4.24 20.53
N ALA B 38 -37.08 -4.17 19.24
CA ALA B 38 -36.11 -5.09 18.64
C ALA B 38 -34.77 -5.01 19.36
N LEU B 39 -34.22 -3.80 19.49
CA LEU B 39 -32.93 -3.66 20.17
C LEU B 39 -33.01 -4.21 21.59
N GLU B 40 -34.08 -3.90 22.32
CA GLU B 40 -34.23 -4.41 23.68
C GLU B 40 -34.31 -5.93 23.68
N HIS B 41 -35.04 -6.49 22.72
CA HIS B 41 -35.17 -7.93 22.62
C HIS B 41 -33.85 -8.57 22.22
N HIS B 42 -33.09 -7.90 21.36
CA HIS B 42 -31.77 -8.38 20.95
C HIS B 42 -30.81 -8.43 22.13
N VAL B 43 -30.90 -7.42 23.01
CA VAL B 43 -30.01 -7.34 24.16
C VAL B 43 -30.48 -8.23 25.30
N GLY B 44 -31.79 -8.35 25.49
CA GLY B 44 -32.30 -9.03 26.66
C GLY B 44 -32.48 -8.12 27.86
N ARG B 45 -32.57 -6.82 27.63
CA ARG B 45 -32.70 -5.83 28.69
C ARG B 45 -33.63 -4.73 28.20
N VAL B 46 -34.40 -4.15 29.13
CA VAL B 46 -35.09 -2.90 28.84
C VAL B 46 -34.07 -1.78 28.76
N LEU B 47 -34.15 -0.96 27.72
CA LEU B 47 -33.12 0.05 27.47
C LEU B 47 -33.54 1.48 27.77
N VAL B 48 -34.80 1.85 27.59
CA VAL B 48 -35.22 3.23 27.77
C VAL B 48 -36.66 3.25 28.27
N SER B 49 -36.97 4.26 29.08
CA SER B 49 -38.34 4.45 29.55
C SER B 49 -39.22 5.02 28.46
N ARG B 50 -40.48 4.58 28.45
CA ARG B 50 -41.48 5.10 27.52
C ARG B 50 -42.15 6.37 28.03
N THR B 51 -41.60 6.99 29.08
CA THR B 51 -42.09 8.24 29.61
C THR B 51 -41.30 9.41 29.04
N GLN B 52 -41.71 10.62 29.40
CA GLN B 52 -41.10 11.84 28.87
C GLN B 52 -40.80 12.83 29.99
N PRO B 53 -39.58 13.40 30.05
CA PRO B 53 -38.49 13.15 29.08
C PRO B 53 -37.95 11.73 29.24
N ALA B 54 -37.53 11.14 28.10
CA ALA B 54 -37.02 9.77 28.09
C ALA B 54 -35.69 9.67 28.81
N LYS B 55 -35.56 8.67 29.69
CA LYS B 55 -34.32 8.39 30.40
C LYS B 55 -33.82 6.99 30.03
N ALA B 56 -32.53 6.88 29.78
CA ALA B 56 -31.92 5.58 29.54
C ALA B 56 -31.81 4.81 30.85
N THR B 57 -32.15 3.52 30.80
CA THR B 57 -31.83 2.63 31.92
C THR B 57 -30.31 2.49 32.04
N GLU B 58 -29.89 1.71 33.04
CA GLU B 58 -28.47 1.47 33.24
C GLU B 58 -27.86 0.80 32.01
N ALA B 59 -28.49 -0.27 31.53
CA ALA B 59 -28.04 -0.92 30.30
C ALA B 59 -28.17 0.01 29.10
N GLY B 60 -29.27 0.77 29.05
CA GLY B 60 -29.49 1.68 27.95
C GLY B 60 -28.48 2.81 27.88
N GLU B 61 -28.01 3.28 29.04
CA GLU B 61 -26.97 4.31 29.05
C GLU B 61 -25.72 3.82 28.33
N VAL B 62 -25.40 2.53 28.48
CA VAL B 62 -24.28 1.94 27.75
C VAL B 62 -24.44 2.14 26.25
N LEU B 63 -25.57 1.71 25.70
CA LEU B 63 -25.74 1.77 24.25
C LEU B 63 -25.75 3.20 23.76
N VAL B 64 -26.35 4.12 24.52
CA VAL B 64 -26.31 5.53 24.13
C VAL B 64 -24.87 6.01 24.03
N GLN B 65 -24.07 5.74 25.07
CA GLN B 65 -22.66 6.08 25.01
C GLN B 65 -21.99 5.44 23.78
N ALA B 66 -22.26 4.15 23.56
CA ALA B 66 -21.71 3.45 22.41
C ALA B 66 -22.15 4.09 21.10
N ALA B 67 -23.42 4.49 21.01
CA ALA B 67 -23.93 5.09 19.77
C ALA B 67 -23.20 6.39 19.44
N ARG B 68 -22.91 7.22 20.45
CA ARG B 68 -22.16 8.44 20.17
C ARG B 68 -20.74 8.13 19.72
N LYS B 69 -20.14 7.06 20.26
CA LYS B 69 -18.83 6.65 19.78
C LYS B 69 -18.87 6.26 18.31
N MET B 70 -19.89 5.50 17.90
CA MET B 70 -19.97 5.09 16.50
C MET B 70 -20.27 6.29 15.61
N VAL B 71 -21.05 7.25 16.11
CA VAL B 71 -21.33 8.46 15.33
C VAL B 71 -20.04 9.23 15.08
N LEU B 72 -19.19 9.34 16.10
CA LEU B 72 -17.94 10.06 15.93
C LEU B 72 -17.04 9.34 14.95
N LEU B 73 -16.94 8.01 15.06
CA LEU B 73 -16.15 7.23 14.12
C LEU B 73 -16.62 7.46 12.69
N GLN B 74 -17.93 7.41 12.46
CA GLN B 74 -18.43 7.56 11.09
C GLN B 74 -18.01 8.90 10.49
N ALA B 75 -18.13 9.98 11.28
CA ALA B 75 -17.78 11.29 10.78
C ALA B 75 -16.28 11.41 10.48
N GLU B 76 -15.44 10.91 11.39
CA GLU B 76 -13.99 10.98 11.18
C GLU B 76 -13.58 10.18 9.95
N THR B 77 -14.17 9.01 9.75
CA THR B 77 -13.85 8.20 8.58
C THR B 77 -14.17 8.93 7.27
N LYS B 78 -15.39 9.49 7.15
CA LYS B 78 -15.74 10.24 5.95
C LYS B 78 -14.72 11.34 5.65
N ALA B 79 -14.29 12.08 6.67
CA ALA B 79 -13.29 13.13 6.45
C ALA B 79 -11.94 12.53 6.08
N GLN B 80 -11.58 11.40 6.71
CA GLN B 80 -10.31 10.75 6.41
C GLN B 80 -10.30 10.22 4.98
N LEU B 81 -11.38 9.56 4.58
CA LEU B 81 -11.47 9.06 3.21
C LEU B 81 -11.36 10.19 2.21
N SER B 82 -12.04 11.31 2.46
CA SER B 82 -12.01 12.39 1.48
C SER B 82 -10.59 12.87 1.23
N GLY B 83 -9.77 12.91 2.27
CA GLY B 83 -8.42 13.41 2.14
C GLY B 83 -7.50 12.41 1.48
N ARG B 84 -7.67 11.12 1.80
CA ARG B 84 -6.85 10.07 1.19
C ARG B 84 -7.10 9.93 -0.30
N LEU B 85 -8.35 10.05 -0.75
CA LEU B 85 -8.62 9.94 -2.18
C LEU B 85 -7.80 10.95 -2.94
N ALA B 86 -7.66 12.15 -2.41
CA ALA B 86 -6.87 13.18 -3.07
C ALA B 86 -5.42 12.73 -3.21
N GLU B 87 -4.88 12.12 -2.15
CA GLU B 87 -3.48 11.69 -2.11
C GLU B 87 -3.19 10.44 -2.92
N ILE B 88 -4.17 9.68 -3.35
CA ILE B 88 -3.93 8.35 -3.90
C ILE B 88 -3.84 8.45 -5.41
N PRO B 89 -2.77 7.95 -6.02
CA PRO B 89 -2.61 8.05 -7.47
C PRO B 89 -3.51 7.09 -8.21
N LEU B 90 -4.08 7.58 -9.30
CA LEU B 90 -4.79 6.69 -10.21
C LEU B 90 -3.76 5.79 -10.87
N THR B 91 -4.02 4.49 -10.86
CA THR B 91 -3.07 3.49 -11.34
C THR B 91 -3.47 2.95 -12.70
N ILE B 92 -2.51 2.95 -13.62
CA ILE B 92 -2.71 2.59 -15.01
C ILE B 92 -1.66 1.57 -15.42
N ALA B 93 -2.07 0.57 -16.18
CA ALA B 93 -1.13 -0.29 -16.88
C ALA B 93 -1.09 0.17 -18.33
N ILE B 94 0.12 0.34 -18.86
CA ILE B 94 0.32 0.88 -20.19
C ILE B 94 1.55 0.24 -20.80
N ASN B 95 1.65 0.28 -22.12
CA ASN B 95 2.82 -0.24 -22.81
C ASN B 95 3.77 0.89 -23.21
N ALA B 96 5.05 0.53 -23.36
CA ALA B 96 6.09 1.52 -23.65
C ALA B 96 5.81 2.28 -24.94
N ASP B 97 5.24 1.60 -25.93
CA ASP B 97 5.03 2.21 -27.23
C ASP B 97 3.97 3.30 -27.18
N SER B 98 2.94 3.13 -26.35
CA SER B 98 1.97 4.21 -26.17
C SER B 98 2.59 5.35 -25.39
N LEU B 99 3.35 5.02 -24.34
CA LEU B 99 3.93 6.03 -23.47
C LEU B 99 4.92 6.92 -24.22
N SER B 100 5.63 6.36 -25.20
CA SER B 100 6.64 7.10 -25.91
C SER B 100 6.12 7.88 -27.09
N THR B 101 4.85 7.71 -27.45
CA THR B 101 4.31 8.44 -28.60
C THR B 101 3.17 9.39 -28.24
N TRP B 102 1.94 8.86 -28.21
CA TRP B 102 0.75 9.70 -28.15
C TRP B 102 0.27 10.00 -26.75
N PHE B 103 0.79 9.34 -25.73
CA PHE B 103 0.19 9.41 -24.41
C PHE B 103 0.54 10.67 -23.62
N PRO B 104 1.77 11.19 -23.71
CA PRO B 104 2.20 12.23 -22.77
C PRO B 104 1.20 13.38 -22.65
N PRO B 105 0.49 13.74 -23.72
CA PRO B 105 -0.53 14.80 -23.57
C PRO B 105 -1.55 14.55 -22.47
N VAL B 106 -1.80 13.29 -22.10
CA VAL B 106 -2.67 12.99 -20.96
C VAL B 106 -2.16 13.65 -19.70
N PHE B 107 -0.83 13.78 -19.56
CA PHE B 107 -0.24 14.42 -18.39
C PHE B 107 -0.78 15.83 -18.20
N ASN B 108 -0.91 16.59 -19.29
CA ASN B 108 -1.46 17.95 -19.19
C ASN B 108 -2.82 17.95 -18.51
N GLU B 109 -3.71 17.03 -18.91
CA GLU B 109 -5.06 17.04 -18.36
C GLU B 109 -5.06 16.77 -16.86
N VAL B 110 -4.36 15.72 -16.43
CA VAL B 110 -4.30 15.41 -15.01
C VAL B 110 -3.73 16.57 -14.22
N ALA B 111 -2.68 17.23 -14.75
CA ALA B 111 -2.06 18.33 -14.01
C ALA B 111 -3.06 19.44 -13.69
N SER B 112 -3.98 19.73 -14.61
CA SER B 112 -4.94 20.82 -14.45
C SER B 112 -6.01 20.55 -13.39
N TRP B 113 -6.18 19.30 -12.94
CA TRP B 113 -7.20 19.03 -11.94
C TRP B 113 -6.82 19.57 -10.57
N GLY B 114 -5.53 19.71 -10.27
CA GLY B 114 -5.13 20.34 -9.03
C GLY B 114 -4.81 19.35 -7.92
N GLY B 115 -3.68 18.65 -8.02
CA GLY B 115 -3.26 17.73 -6.98
C GLY B 115 -3.29 16.27 -7.37
N ALA B 116 -3.82 15.94 -8.54
CA ALA B 116 -3.95 14.52 -8.88
C ALA B 116 -2.59 13.94 -9.22
N THR B 117 -2.45 12.64 -8.99
CA THR B 117 -1.22 11.90 -9.29
C THR B 117 -1.56 10.64 -10.08
N LEU B 118 -0.60 10.22 -10.92
CA LEU B 118 -0.69 9.01 -11.71
C LEU B 118 0.37 8.01 -11.29
N THR B 119 0.03 6.73 -11.32
CA THR B 119 1.00 5.64 -11.23
C THR B 119 0.90 4.78 -12.48
N LEU B 120 1.91 4.88 -13.33
CA LEU B 120 1.99 4.10 -14.55
C LEU B 120 2.81 2.84 -14.31
N ARG B 121 2.29 1.70 -14.71
CA ARG B 121 3.02 0.44 -14.69
C ARG B 121 3.25 0.05 -16.14
N LEU B 122 4.51 -0.14 -16.53
CA LEU B 122 4.87 -0.56 -17.88
C LEU B 122 4.86 -2.06 -18.12
N GLU B 123 3.93 -2.50 -18.96
CA GLU B 123 3.62 -3.90 -19.24
C GLU B 123 3.39 -4.03 -20.74
N ASP B 124 3.67 -5.21 -21.29
CA ASP B 124 3.28 -5.48 -22.67
C ASP B 124 1.75 -5.62 -22.75
N GLU B 125 1.24 -5.74 -23.98
CA GLU B 125 -0.21 -5.74 -24.18
C GLU B 125 -0.90 -6.88 -23.43
N ALA B 126 -0.31 -8.07 -23.42
CA ALA B 126 -0.96 -9.25 -22.84
C ALA B 126 -1.05 -9.13 -21.32
N HIS B 127 0.08 -8.83 -20.69
CA HIS B 127 0.21 -8.65 -19.24
C HIS B 127 -0.67 -7.51 -18.72
N THR B 128 -0.84 -6.46 -19.51
CA THR B 128 -1.66 -5.31 -19.13
C THR B 128 -3.04 -5.69 -18.62
N LEU B 129 -3.75 -6.57 -19.32
CA LEU B 129 -5.11 -6.91 -18.91
C LEU B 129 -5.16 -7.55 -17.53
N SER B 130 -4.19 -8.40 -17.20
CA SER B 130 -4.23 -9.02 -15.88
C SER B 130 -4.22 -7.97 -14.76
N LEU B 131 -3.39 -6.95 -14.87
CA LEU B 131 -3.43 -5.88 -13.87
C LEU B 131 -4.84 -5.29 -13.72
N LEU B 132 -5.53 -4.99 -14.83
CA LEU B 132 -6.93 -4.54 -14.73
C LEU B 132 -7.80 -5.55 -14.01
N ARG B 133 -7.82 -6.79 -14.50
CA ARG B 133 -8.69 -7.80 -13.95
C ARG B 133 -8.55 -7.87 -12.44
N ARG B 134 -7.31 -7.87 -11.95
CA ARG B 134 -7.09 -8.09 -10.52
C ARG B 134 -7.37 -6.85 -9.69
N GLY B 135 -7.57 -5.70 -10.32
CA GLY B 135 -7.85 -4.46 -9.64
C GLY B 135 -6.64 -3.64 -9.26
N ASP B 136 -5.45 -4.00 -9.72
CA ASP B 136 -4.24 -3.28 -9.38
C ASP B 136 -4.11 -1.96 -10.16
N VAL B 137 -4.81 -1.82 -11.27
CA VAL B 137 -4.96 -0.56 -11.98
C VAL B 137 -6.43 -0.28 -12.23
N LEU B 138 -6.79 0.99 -12.28
CA LEU B 138 -8.18 1.39 -12.52
C LEU B 138 -8.48 1.49 -14.01
N GLY B 139 -7.45 1.59 -14.84
CA GLY B 139 -7.62 1.65 -16.28
C GLY B 139 -6.42 1.00 -16.93
N ALA B 140 -6.55 0.67 -18.22
CA ALA B 140 -5.44 0.01 -18.89
C ALA B 140 -5.54 0.15 -20.40
N VAL B 141 -4.38 0.44 -21.02
CA VAL B 141 -4.19 0.33 -22.46
C VAL B 141 -3.80 -1.10 -22.81
N THR B 142 -4.49 -1.68 -23.79
CA THR B 142 -4.35 -3.11 -24.06
C THR B 142 -4.66 -3.37 -25.52
N ARG B 143 -4.05 -4.43 -26.07
CA ARG B 143 -4.42 -4.93 -27.38
C ARG B 143 -5.69 -5.79 -27.37
N GLU B 144 -6.17 -6.18 -26.21
CA GLU B 144 -7.33 -7.08 -26.11
C GLU B 144 -8.62 -6.29 -26.27
N ALA B 145 -9.43 -6.70 -27.25
CA ALA B 145 -10.68 -6.01 -27.54
C ALA B 145 -11.85 -6.47 -26.69
N ASN B 146 -11.84 -7.72 -26.21
CA ASN B 146 -13.02 -8.15 -25.46
C ASN B 146 -12.95 -7.67 -24.00
N PRO B 147 -14.07 -7.17 -23.45
CA PRO B 147 -14.03 -6.55 -22.12
C PRO B 147 -13.85 -7.56 -21.00
N VAL B 148 -12.95 -7.26 -20.07
CA VAL B 148 -12.79 -8.11 -18.89
C VAL B 148 -13.98 -7.84 -17.97
N ALA B 149 -14.38 -8.86 -17.21
CA ALA B 149 -15.51 -8.73 -16.31
C ALA B 149 -15.40 -7.48 -15.44
N GLY B 150 -16.51 -6.73 -15.36
CA GLY B 150 -16.56 -5.52 -14.55
C GLY B 150 -16.09 -4.25 -15.21
N CYS B 151 -15.60 -4.31 -16.46
CA CYS B 151 -14.97 -3.17 -17.10
C CYS B 151 -15.64 -2.92 -18.45
N GLU B 152 -15.48 -1.69 -18.96
CA GLU B 152 -15.95 -1.34 -20.28
C GLU B 152 -14.78 -0.96 -21.17
N VAL B 153 -14.96 -1.16 -22.48
CA VAL B 153 -13.89 -1.01 -23.44
C VAL B 153 -14.23 0.12 -24.40
N VAL B 154 -13.19 0.83 -24.83
CA VAL B 154 -13.28 1.86 -25.84
C VAL B 154 -12.11 1.65 -26.80
N GLU B 155 -12.38 1.71 -28.10
CA GLU B 155 -11.33 1.63 -29.11
C GLU B 155 -10.60 2.97 -29.22
N LEU B 156 -9.26 2.91 -29.20
CA LEU B 156 -8.43 4.10 -29.26
C LEU B 156 -7.90 4.41 -30.65
N GLY B 157 -7.78 3.41 -31.52
CA GLY B 157 -7.12 3.50 -32.81
C GLY B 157 -6.08 2.42 -32.96
N THR B 158 -5.30 2.50 -34.05
CA THR B 158 -4.43 1.43 -34.47
C THR B 158 -2.98 1.92 -34.43
N MET B 159 -2.09 1.09 -33.88
CA MET B 159 -0.66 1.38 -33.86
C MET B 159 0.05 0.64 -34.98
N ARG B 160 0.85 1.37 -35.76
CA ARG B 160 1.59 0.83 -36.89
C ARG B 160 3.09 0.79 -36.60
N HIS B 161 3.72 -0.36 -36.85
CA HIS B 161 5.16 -0.50 -36.74
C HIS B 161 5.75 -0.62 -38.14
N LEU B 162 6.92 0.01 -38.33
CA LEU B 162 7.66 -0.03 -39.58
C LEU B 162 9.01 -0.70 -39.37
N ALA B 163 9.47 -1.42 -40.38
CA ALA B 163 10.80 -2.01 -40.37
C ALA B 163 11.77 -0.98 -40.95
N ILE B 164 12.65 -0.43 -40.11
CA ILE B 164 13.52 0.65 -40.52
C ILE B 164 14.97 0.29 -40.22
N ALA B 165 15.88 0.93 -40.95
CA ALA B 165 17.31 0.81 -40.74
C ALA B 165 17.98 2.03 -41.36
N THR B 166 19.24 2.23 -41.02
CA THR B 166 20.00 3.27 -41.69
C THR B 166 20.31 2.83 -43.11
N PRO B 167 20.38 3.77 -44.06
CA PRO B 167 20.76 3.39 -45.44
C PRO B 167 22.03 2.57 -45.53
N SER B 168 23.06 2.95 -44.77
CA SER B 168 24.34 2.24 -44.83
C SER B 168 24.20 0.79 -44.42
N LEU B 169 23.39 0.52 -43.38
CA LEU B 169 23.20 -0.84 -42.91
C LEU B 169 22.53 -1.69 -43.99
N ARG B 170 21.44 -1.18 -44.58
CA ARG B 170 20.78 -1.88 -45.66
C ARG B 170 21.75 -2.23 -46.78
N ASP B 171 22.47 -1.23 -47.29
CA ASP B 171 23.42 -1.47 -48.38
C ASP B 171 24.47 -2.51 -47.99
N ALA B 172 24.83 -2.58 -46.72
CA ALA B 172 25.85 -3.54 -46.28
C ALA B 172 25.38 -4.98 -46.45
N TYR B 173 24.07 -5.22 -46.43
CA TYR B 173 23.52 -6.56 -46.54
C TYR B 173 22.72 -6.77 -47.84
N MET B 174 22.88 -5.88 -48.82
CA MET B 174 22.42 -6.12 -50.17
C MET B 174 23.45 -6.97 -50.93
N VAL B 175 23.00 -8.09 -51.51
CA VAL B 175 23.87 -8.94 -52.32
C VAL B 175 23.06 -9.46 -53.51
N ASP B 176 23.48 -9.09 -54.72
CA ASP B 176 22.77 -9.44 -55.95
C ASP B 176 21.42 -8.74 -56.04
N GLY B 177 21.29 -7.59 -55.38
CA GLY B 177 20.05 -6.85 -55.41
C GLY B 177 19.01 -7.35 -54.43
N LYS B 178 19.33 -8.33 -53.59
CA LYS B 178 18.39 -8.90 -52.64
C LYS B 178 18.96 -8.77 -51.23
N LEU B 179 18.08 -8.42 -50.29
CA LEU B 179 18.48 -8.14 -48.92
C LEU B 179 18.56 -9.43 -48.10
N ASP B 180 19.69 -9.62 -47.40
CA ASP B 180 19.91 -10.79 -46.55
C ASP B 180 19.37 -10.47 -45.16
N TRP B 181 18.06 -10.66 -45.00
CA TRP B 181 17.38 -10.34 -43.75
C TRP B 181 18.02 -11.05 -42.55
N ALA B 182 18.31 -12.35 -42.68
CA ALA B 182 18.80 -13.13 -41.55
C ALA B 182 20.12 -12.61 -41.02
N ALA B 183 21.00 -12.14 -41.92
CA ALA B 183 22.33 -11.70 -41.51
C ALA B 183 22.35 -10.29 -40.95
N MET B 184 21.30 -9.53 -41.19
CA MET B 184 21.26 -8.14 -40.76
C MET B 184 21.05 -8.07 -39.24
N PRO B 185 21.93 -7.37 -38.51
CA PRO B 185 21.70 -7.24 -37.06
C PRO B 185 20.38 -6.55 -36.78
N VAL B 186 19.71 -7.02 -35.74
CA VAL B 186 18.38 -6.53 -35.40
C VAL B 186 18.38 -6.00 -33.98
N LEU B 187 17.51 -5.03 -33.72
CA LEU B 187 17.29 -4.54 -32.37
C LEU B 187 16.13 -5.28 -31.73
N ARG B 188 16.30 -5.61 -30.46
CA ARG B 188 15.29 -6.26 -29.64
C ARG B 188 15.05 -5.38 -28.43
N PHE B 189 13.81 -5.33 -27.98
CA PHE B 189 13.41 -4.37 -26.95
C PHE B 189 13.64 -4.91 -25.55
N GLY B 190 13.63 -6.22 -25.39
CA GLY B 190 13.81 -6.85 -24.12
C GLY B 190 14.22 -8.28 -24.35
N PRO B 191 14.39 -9.03 -23.27
CA PRO B 191 14.71 -10.44 -23.45
C PRO B 191 13.45 -11.20 -23.80
N LYS B 192 12.30 -10.65 -23.40
CA LYS B 192 11.00 -11.02 -23.93
C LYS B 192 10.55 -9.89 -24.86
N ASP B 193 10.56 -10.16 -26.16
CA ASP B 193 10.00 -9.26 -27.17
C ASP B 193 9.15 -10.12 -28.09
N VAL B 194 7.83 -9.89 -28.08
CA VAL B 194 6.96 -10.68 -28.94
C VAL B 194 7.13 -10.26 -30.40
N LEU B 195 7.29 -8.95 -30.65
CA LEU B 195 7.43 -8.47 -32.01
C LEU B 195 8.68 -9.02 -32.67
N GLN B 196 9.85 -8.84 -32.04
CA GLN B 196 11.10 -9.28 -32.63
C GLN B 196 11.12 -10.79 -32.84
N ASP B 197 10.35 -11.53 -32.04
CA ASP B 197 10.25 -12.98 -32.25
C ASP B 197 9.67 -13.29 -33.62
N ARG B 198 8.57 -12.64 -33.97
CA ARG B 198 7.89 -12.84 -35.26
C ARG B 198 8.20 -11.73 -36.26
N ASP B 199 9.46 -11.28 -36.35
CA ASP B 199 9.78 -10.13 -37.20
C ASP B 199 10.16 -10.52 -38.63
N LEU B 200 10.44 -11.79 -38.89
CA LEU B 200 10.75 -12.25 -40.25
C LEU B 200 9.58 -12.94 -40.92
N ASP B 201 8.46 -13.14 -40.22
CA ASP B 201 7.30 -13.75 -40.85
C ASP B 201 6.98 -13.01 -42.14
N GLY B 202 6.83 -13.76 -43.23
CA GLY B 202 6.61 -13.14 -44.52
C GLY B 202 7.78 -12.34 -45.05
N ARG B 203 8.95 -12.44 -44.43
CA ARG B 203 10.19 -11.91 -44.97
C ARG B 203 11.20 -13.00 -45.29
N VAL B 204 11.19 -14.11 -44.57
CA VAL B 204 12.02 -15.26 -44.84
C VAL B 204 11.12 -16.48 -44.81
N ASP B 205 11.40 -17.45 -45.68
CA ASP B 205 10.55 -18.63 -45.72
C ASP B 205 10.95 -19.64 -44.66
N GLY B 206 11.99 -20.44 -44.94
CA GLY B 206 12.30 -21.60 -44.14
C GLY B 206 12.88 -21.31 -42.77
N PRO B 207 13.39 -22.36 -42.12
CA PRO B 207 13.95 -22.19 -40.78
C PRO B 207 15.11 -21.21 -40.77
N VAL B 208 15.09 -20.32 -39.79
CA VAL B 208 16.06 -19.24 -39.68
C VAL B 208 17.26 -19.71 -38.87
N GLY B 209 18.47 -19.37 -39.33
CA GLY B 209 19.69 -19.67 -38.59
C GLY B 209 19.80 -18.76 -37.38
N ARG B 210 20.99 -18.53 -36.83
CA ARG B 210 21.05 -17.64 -35.69
C ARG B 210 21.20 -16.20 -36.14
N ARG B 211 20.59 -15.31 -35.38
CA ARG B 211 20.60 -13.87 -35.61
C ARG B 211 21.67 -13.13 -34.79
N ARG B 212 21.98 -11.92 -35.24
CA ARG B 212 22.77 -10.96 -34.47
C ARG B 212 21.81 -9.99 -33.80
N VAL B 213 21.77 -9.99 -32.47
CA VAL B 213 20.76 -9.24 -31.73
C VAL B 213 21.44 -8.34 -30.71
N SER B 214 21.02 -7.08 -30.68
CA SER B 214 21.28 -6.18 -29.56
C SER B 214 19.98 -5.88 -28.81
N ILE B 215 20.08 -5.73 -27.50
CA ILE B 215 18.93 -5.47 -26.64
C ILE B 215 19.10 -4.10 -25.98
N VAL B 216 18.12 -3.23 -26.18
CA VAL B 216 18.11 -1.93 -25.51
C VAL B 216 16.74 -1.74 -24.86
N PRO B 217 16.62 -1.86 -23.51
CA PRO B 217 15.29 -1.96 -22.89
C PRO B 217 14.61 -0.64 -22.62
N SER B 218 14.75 0.33 -23.52
CA SER B 218 13.98 1.56 -23.43
C SER B 218 13.51 1.96 -24.82
N ALA B 219 12.29 2.49 -24.90
CA ALA B 219 11.75 2.86 -26.21
C ALA B 219 12.67 3.82 -26.94
N GLU B 220 13.22 4.81 -26.22
CA GLU B 220 14.03 5.83 -26.88
C GLU B 220 15.44 5.31 -27.18
N GLY B 221 16.00 4.52 -26.27
CA GLY B 221 17.30 3.92 -26.53
C GLY B 221 17.21 2.89 -27.63
N PHE B 222 16.12 2.11 -27.65
CA PHE B 222 15.83 1.22 -28.76
C PHE B 222 15.86 1.97 -30.09
N GLY B 223 15.12 3.07 -30.17
CA GLY B 223 15.11 3.86 -31.39
C GLY B 223 16.48 4.43 -31.73
N GLU B 224 17.20 4.90 -30.71
CA GLU B 224 18.53 5.45 -30.93
C GLU B 224 19.47 4.40 -31.51
N ALA B 225 19.39 3.17 -31.01
CA ALA B 225 20.27 2.12 -31.51
C ALA B 225 20.00 1.82 -32.99
N ILE B 226 18.72 1.78 -33.38
CA ILE B 226 18.38 1.66 -34.78
C ILE B 226 18.84 2.89 -35.54
N ARG B 227 18.48 4.06 -35.04
CA ARG B 227 18.90 5.32 -35.65
C ARG B 227 20.40 5.35 -35.92
N ARG B 228 21.19 4.64 -35.10
CA ARG B 228 22.64 4.72 -35.19
C ARG B 228 23.29 3.50 -35.83
N GLY B 229 22.51 2.63 -36.46
CA GLY B 229 23.07 1.57 -37.26
C GLY B 229 23.42 0.29 -36.53
N LEU B 230 23.17 0.20 -35.23
CA LEU B 230 23.51 -1.03 -34.53
C LEU B 230 22.67 -2.21 -35.02
N GLY B 231 21.52 -1.93 -35.63
CA GLY B 231 20.66 -2.99 -36.14
C GLY B 231 19.40 -2.37 -36.71
N TRP B 232 18.68 -3.17 -37.50
CA TRP B 232 17.35 -2.78 -37.90
C TRP B 232 16.37 -3.14 -36.78
N GLY B 233 15.14 -2.67 -36.91
CA GLY B 233 14.14 -3.03 -35.91
C GLY B 233 12.76 -2.56 -36.30
N LEU B 234 11.78 -3.08 -35.59
CA LEU B 234 10.41 -2.67 -35.75
C LEU B 234 10.14 -1.50 -34.81
N LEU B 235 9.85 -0.34 -35.39
CA LEU B 235 9.73 0.90 -34.64
C LEU B 235 8.37 1.54 -34.91
N PRO B 236 7.70 2.09 -33.91
CA PRO B 236 6.41 2.74 -34.16
C PRO B 236 6.56 3.89 -35.14
N GLU B 237 5.63 3.98 -36.09
CA GLU B 237 5.74 4.98 -37.14
C GLU B 237 5.86 6.39 -36.57
N THR B 238 5.23 6.64 -35.42
CA THR B 238 5.40 7.90 -34.73
C THR B 238 6.88 8.19 -34.48
N GLN B 239 7.62 7.21 -33.94
CA GLN B 239 9.04 7.43 -33.65
C GLN B 239 9.85 7.56 -34.94
N ALA B 240 9.50 6.79 -35.97
CA ALA B 240 10.35 6.73 -37.16
C ALA B 240 10.22 7.97 -38.04
N ALA B 241 9.06 8.64 -38.02
CA ALA B 241 8.82 9.76 -38.93
C ALA B 241 9.91 10.82 -38.89
N PRO B 242 10.38 11.30 -37.73
CA PRO B 242 11.48 12.28 -37.77
C PRO B 242 12.75 11.74 -38.38
N MET B 243 13.13 10.50 -38.04
CA MET B 243 14.33 9.92 -38.63
C MET B 243 14.20 9.78 -40.14
N LEU B 244 13.04 9.34 -40.62
CA LEU B 244 12.84 9.25 -42.05
C LEU B 244 12.89 10.62 -42.70
N LYS B 245 12.25 11.62 -42.08
CA LYS B 245 12.25 12.97 -42.65
C LYS B 245 13.66 13.53 -42.72
N ALA B 246 14.48 13.25 -41.71
CA ALA B 246 15.87 13.70 -41.68
C ALA B 246 16.79 12.81 -42.51
N GLY B 247 16.27 11.78 -43.16
CA GLY B 247 17.10 10.86 -43.92
C GLY B 247 18.04 9.99 -43.12
N GLU B 248 17.88 9.91 -41.79
CA GLU B 248 18.78 9.08 -41.01
C GLU B 248 18.49 7.59 -41.20
N VAL B 249 17.22 7.24 -41.37
CA VAL B 249 16.82 5.87 -41.66
C VAL B 249 15.92 5.87 -42.88
N ILE B 250 15.74 4.67 -43.44
CA ILE B 250 14.85 4.43 -44.57
C ILE B 250 13.95 3.26 -44.24
N LEU B 251 12.87 3.12 -45.03
CA LEU B 251 12.03 1.93 -44.92
C LEU B 251 12.70 0.77 -45.65
N LEU B 252 12.93 -0.32 -44.93
CA LEU B 252 13.37 -1.56 -45.56
C LEU B 252 12.23 -2.30 -46.25
N ASP B 253 11.01 -1.80 -46.13
CA ASP B 253 9.86 -2.66 -46.37
C ASP B 253 8.58 -1.84 -46.33
N GLU B 254 7.72 -2.04 -47.32
CA GLU B 254 6.42 -1.40 -47.39
C GLU B 254 5.37 -2.11 -46.57
N ILE B 255 5.72 -3.20 -45.88
CA ILE B 255 4.77 -3.99 -45.10
C ILE B 255 4.72 -3.59 -43.64
N PRO B 256 3.71 -2.82 -43.22
CA PRO B 256 3.55 -2.52 -41.80
C PRO B 256 3.03 -3.70 -40.99
N ILE B 257 3.20 -3.60 -39.68
CA ILE B 257 2.58 -4.50 -38.71
C ILE B 257 1.61 -3.64 -37.91
N ASP B 258 0.31 -3.96 -37.99
CA ASP B 258 -0.73 -3.14 -37.37
C ASP B 258 -1.31 -3.80 -36.11
N THR B 259 -1.46 -3.00 -35.06
CA THR B 259 -2.00 -3.47 -33.79
C THR B 259 -3.13 -2.58 -33.31
N PRO B 260 -4.39 -2.99 -33.37
CA PRO B 260 -5.47 -2.19 -32.77
C PRO B 260 -5.31 -2.09 -31.26
N MET B 261 -5.62 -0.91 -30.71
CA MET B 261 -5.47 -0.66 -29.27
C MET B 261 -6.80 -0.24 -28.65
N TYR B 262 -6.98 -0.57 -27.38
CA TYR B 262 -8.23 -0.31 -26.67
C TYR B 262 -7.93 0.27 -25.29
N TRP B 263 -8.90 0.99 -24.73
CA TRP B 263 -8.83 1.48 -23.36
C TRP B 263 -9.89 0.76 -22.54
N GLN B 264 -9.45 0.09 -21.48
CA GLN B 264 -10.36 -0.63 -20.58
C GLN B 264 -10.28 0.01 -19.19
N ARG B 265 -11.44 0.30 -18.62
CA ARG B 265 -11.48 0.91 -17.30
C ARG B 265 -12.60 0.25 -16.49
N TRP B 266 -12.37 0.15 -15.18
CA TRP B 266 -13.44 -0.29 -14.29
C TRP B 266 -14.64 0.63 -14.39
N ARG B 267 -15.82 0.01 -14.45
CA ARG B 267 -17.09 0.73 -14.43
C ARG B 267 -17.39 1.26 -13.03
N LEU B 268 -17.29 2.58 -12.89
CA LEU B 268 -17.57 3.27 -11.63
C LEU B 268 -17.99 4.68 -11.99
N GLU B 269 -18.98 5.18 -11.26
CA GLU B 269 -19.43 6.57 -11.45
C GLU B 269 -18.45 7.50 -10.74
N SER B 270 -17.28 7.63 -11.37
CA SER B 270 -16.23 8.53 -10.88
C SER B 270 -16.04 9.57 -11.97
N ARG B 271 -16.20 10.84 -11.62
CA ARG B 271 -15.90 11.89 -12.58
C ARG B 271 -14.40 12.00 -12.82
N SER B 272 -13.58 11.63 -11.82
CA SER B 272 -12.15 11.57 -12.01
C SER B 272 -11.80 10.57 -13.12
N LEU B 273 -12.33 9.36 -13.02
CA LEU B 273 -12.08 8.35 -14.04
C LEU B 273 -12.63 8.78 -15.39
N ALA B 274 -13.85 9.34 -15.42
CA ALA B 274 -14.42 9.80 -16.67
C ALA B 274 -13.52 10.83 -17.35
N ARG B 275 -12.96 11.77 -16.58
CA ARG B 275 -12.08 12.77 -17.17
C ARG B 275 -10.82 12.11 -17.72
N LEU B 276 -10.22 11.19 -16.96
CA LEU B 276 -9.04 10.47 -17.43
C LEU B 276 -9.32 9.72 -18.73
N THR B 277 -10.43 9.00 -18.78
CA THR B 277 -10.77 8.26 -20.00
C THR B 277 -10.85 9.17 -21.20
N ASP B 278 -11.60 10.27 -21.09
CA ASP B 278 -11.70 11.22 -22.19
C ASP B 278 -10.32 11.71 -22.63
N ALA B 279 -9.44 12.02 -21.66
CA ALA B 279 -8.09 12.46 -22.01
C ALA B 279 -7.33 11.40 -22.80
N VAL B 280 -7.47 10.13 -22.40
CA VAL B 280 -6.77 9.06 -23.10
C VAL B 280 -7.32 8.92 -24.52
N VAL B 281 -8.65 8.80 -24.66
CA VAL B 281 -9.24 8.68 -25.99
C VAL B 281 -8.81 9.83 -26.87
N ASP B 282 -8.85 11.05 -26.33
CA ASP B 282 -8.50 12.21 -27.14
C ASP B 282 -7.03 12.19 -27.56
N ALA B 283 -6.14 11.81 -26.65
CA ALA B 283 -4.73 11.69 -27.01
C ALA B 283 -4.51 10.62 -28.09
N ALA B 284 -5.16 9.46 -27.96
CA ALA B 284 -4.98 8.41 -28.95
C ALA B 284 -5.53 8.79 -30.32
N ILE B 285 -6.61 9.57 -30.34
CA ILE B 285 -7.17 10.04 -31.61
C ILE B 285 -6.16 10.92 -32.34
N GLU B 286 -5.40 11.72 -31.58
CA GLU B 286 -4.41 12.62 -32.16
C GLU B 286 -3.14 11.92 -32.59
N GLY B 287 -2.84 10.75 -32.04
CA GLY B 287 -1.54 10.12 -32.26
C GLY B 287 -1.59 8.69 -32.76
N LEU B 288 -2.80 8.19 -33.03
CA LEU B 288 -2.97 6.89 -33.65
C LEU B 288 -3.72 7.07 -34.95
N ARG B 289 -3.69 6.07 -35.81
CA ARG B 289 -4.48 6.20 -37.02
C ARG B 289 -5.91 5.78 -36.73
N PRO B 290 -6.89 6.36 -37.45
CA PRO B 290 -8.30 5.98 -37.29
C PRO B 290 -8.50 4.47 -37.26
#